data_6MEP
#
_entry.id   6MEP
#
_cell.length_a   51.366
_cell.length_b   92.048
_cell.length_c   69.690
_cell.angle_alpha   90.000
_cell.angle_beta   101.670
_cell.angle_gamma   90.000
#
_symmetry.space_group_name_H-M   'P 1 21 1'
#
loop_
_entity.id
_entity.type
_entity.pdbx_description
1 polymer 'Tyrosine-protein kinase Mer'
2 non-polymer 'CHLORIDE ION'
3 non-polymer cis-4-[(2-[(4-{[4-(1,3-dioxolan-2-yl)pyridin-2-yl]ethynyl}phenyl)amino]-5-{4-[(4-methylpiperazin-1-yl)methyl]phenyl}pyrimidin-4-yl)amino]cyclohexan-1-ol
4 non-polymer 'MAGNESIUM ION'
5 water water
#
_entity_poly.entity_id   1
_entity_poly.type   'polypeptide(L)'
_entity_poly.pdbx_seq_one_letter_code
;MGSSHHHHHHSSGLVPRGSEELQNKLEDVVIDRNLLILGKILGEGEFGSVMEGNLKQEDGTSLKVAVKTMKLDNSSQREI
EEFLSEAACMKDFSHPNVIRLLGVCIEMSSQGIPKPMVILPFMKYGDLHTYLLYSRLETGPKHIPLQTLLKFMVDIALGM
EYLSNRNFLHRDLAARNCMLRDDMTVCVADFGLSKKIYSGDYYRQGRIAKMPVKWIAIESLADRVYTSKSDVWAFGVTMW
EIATRGMTPYPGVQNHEMYDYLLHGHRLKQPEDCLDELYEIMYSCWRTDPLDRPTFSVLRLQLEKLLESLPDV
;
_entity_poly.pdbx_strand_id   A,B
#
# COMPACT_ATOMS: atom_id res chain seq x y z
N LYS A 25 19.96 -38.56 -13.15
CA LYS A 25 20.63 -37.35 -13.61
C LYS A 25 20.12 -36.13 -12.84
N LEU A 26 19.26 -36.37 -11.87
CA LEU A 26 18.75 -35.31 -11.00
C LEU A 26 19.70 -34.98 -9.87
N GLU A 27 20.83 -35.69 -9.76
CA GLU A 27 21.82 -35.41 -8.74
C GLU A 27 22.50 -34.07 -8.95
N ASP A 28 22.50 -33.55 -10.18
CA ASP A 28 23.28 -32.36 -10.49
C ASP A 28 22.79 -31.14 -9.71
N VAL A 29 21.52 -31.11 -9.32
CA VAL A 29 20.92 -29.91 -8.73
C VAL A 29 20.92 -29.95 -7.21
N VAL A 30 21.30 -31.05 -6.59
CA VAL A 30 21.35 -31.16 -5.14
C VAL A 30 22.73 -30.71 -4.67
N ILE A 31 22.77 -29.75 -3.76
CA ILE A 31 24.02 -29.26 -3.18
C ILE A 31 24.19 -29.87 -1.79
N ASP A 32 25.44 -30.22 -1.47
CA ASP A 32 25.73 -30.77 -0.16
C ASP A 32 25.40 -29.75 0.92
N ARG A 33 24.77 -30.22 2.00
CA ARG A 33 24.35 -29.32 3.07
C ARG A 33 25.55 -28.64 3.73
N ASN A 34 26.65 -29.37 3.91
CA ASN A 34 27.81 -28.83 4.60
C ASN A 34 28.52 -27.76 3.79
N LEU A 35 28.07 -27.46 2.57
CA LEU A 35 28.63 -26.37 1.79
C LEU A 35 27.87 -25.06 2.00
N LEU A 36 26.87 -25.04 2.88
CA LEU A 36 25.99 -23.90 3.05
C LEU A 36 26.04 -23.43 4.49
N ILE A 37 26.25 -22.12 4.67
CA ILE A 37 26.25 -21.49 5.99
C ILE A 37 25.06 -20.54 6.02
N LEU A 38 24.15 -20.77 6.96
CA LEU A 38 22.96 -19.94 7.08
C LEU A 38 23.18 -18.82 8.10
N GLY A 39 22.49 -17.71 7.89
CA GLY A 39 22.62 -16.53 8.73
C GLY A 39 21.26 -16.00 9.13
N LYS A 40 21.15 -14.66 9.10
CA LYS A 40 19.95 -13.99 9.56
C LYS A 40 18.74 -14.39 8.69
N ILE A 41 17.56 -14.03 9.18
CA ILE A 41 16.33 -14.12 8.42
C ILE A 41 16.12 -12.80 7.69
N LEU A 42 15.67 -12.88 6.44
CA LEU A 42 15.41 -11.70 5.64
C LEU A 42 13.92 -11.41 5.46
N GLY A 43 13.07 -12.41 5.57
CA GLY A 43 11.65 -12.20 5.39
C GLY A 43 10.89 -13.50 5.47
N GLU A 44 9.71 -13.51 4.87
CA GLU A 44 8.81 -14.66 4.90
C GLU A 44 8.43 -15.07 3.48
N GLY A 45 8.54 -16.36 3.19
CA GLY A 45 7.89 -16.93 2.03
C GLY A 45 6.50 -17.42 2.39
N GLU A 46 5.71 -17.74 1.36
CA GLU A 46 4.35 -18.20 1.66
C GLU A 46 4.37 -19.51 2.42
N PHE A 47 5.25 -20.43 2.04
CA PHE A 47 5.43 -21.70 2.76
C PHE A 47 6.90 -21.81 3.20
N GLY A 48 7.24 -21.08 4.24
CA GLY A 48 8.60 -21.08 4.79
C GLY A 48 9.14 -19.67 4.95
N SER A 49 10.30 -19.59 5.60
CA SER A 49 11.00 -18.34 5.83
C SER A 49 12.12 -18.15 4.81
N VAL A 50 12.80 -17.00 4.91
CA VAL A 50 13.91 -16.65 4.02
C VAL A 50 15.09 -16.20 4.87
N MET A 51 16.29 -16.61 4.47
CA MET A 51 17.50 -16.35 5.23
C MET A 51 18.66 -16.06 4.30
N GLU A 52 19.66 -15.37 4.84
CA GLU A 52 20.92 -15.17 4.14
C GLU A 52 21.84 -16.37 4.34
N GLY A 53 22.90 -16.43 3.56
CA GLY A 53 23.86 -17.52 3.72
C GLY A 53 25.01 -17.38 2.76
N ASN A 54 26.00 -18.25 2.97
CA ASN A 54 27.18 -18.35 2.11
C ASN A 54 27.18 -19.70 1.41
N LEU A 55 27.35 -19.68 0.09
CA LEU A 55 27.46 -20.88 -0.72
C LEU A 55 28.92 -21.08 -1.10
N LYS A 56 29.52 -22.18 -0.65
CA LYS A 56 30.89 -22.52 -1.02
C LYS A 56 30.85 -23.18 -2.39
N GLN A 57 31.44 -22.51 -3.38
CA GLN A 57 31.33 -22.96 -4.76
C GLN A 57 32.49 -23.88 -5.12
N GLU A 58 32.31 -24.61 -6.23
CA GLU A 58 33.40 -25.43 -6.76
C GLU A 58 34.61 -24.59 -7.10
N ASP A 59 34.42 -23.30 -7.36
CA ASP A 59 35.52 -22.38 -7.64
C ASP A 59 36.44 -22.20 -6.45
N GLY A 60 36.07 -22.69 -5.27
CA GLY A 60 36.81 -22.41 -4.06
C GLY A 60 36.41 -21.14 -3.36
N THR A 61 35.59 -20.29 -4.00
CA THR A 61 35.16 -19.02 -3.44
C THR A 61 33.73 -19.14 -2.91
N SER A 62 33.44 -18.35 -1.87
CA SER A 62 32.11 -18.33 -1.29
C SER A 62 31.25 -17.29 -1.98
N LEU A 63 29.96 -17.61 -2.12
CA LEU A 63 28.99 -16.71 -2.76
C LEU A 63 27.88 -16.40 -1.77
N LYS A 64 27.49 -15.12 -1.73
CA LYS A 64 26.37 -14.71 -0.90
C LYS A 64 25.07 -15.08 -1.59
N VAL A 65 24.18 -15.75 -0.86
CA VAL A 65 22.96 -16.32 -1.43
C VAL A 65 21.80 -16.07 -0.47
N ALA A 66 20.59 -16.28 -1.00
CA ALA A 66 19.38 -16.33 -0.20
C ALA A 66 18.83 -17.74 -0.20
N VAL A 67 18.16 -18.12 0.88
CA VAL A 67 17.71 -19.49 1.10
C VAL A 67 16.23 -19.45 1.47
N LYS A 68 15.39 -19.96 0.58
CA LYS A 68 13.96 -20.08 0.83
C LYS A 68 13.61 -21.50 1.28
N THR A 69 12.54 -21.60 2.06
CA THR A 69 12.12 -22.89 2.61
C THR A 69 10.66 -23.16 2.27
N GLU A 82 8.60 -34.86 -6.04
CA GLU A 82 8.11 -34.09 -7.18
C GLU A 82 8.66 -32.67 -7.13
N PHE A 83 8.83 -32.15 -5.92
CA PHE A 83 9.36 -30.79 -5.76
C PHE A 83 10.76 -30.68 -6.34
N LEU A 84 11.59 -31.71 -6.13
CA LEU A 84 12.99 -31.66 -6.58
C LEU A 84 13.12 -31.78 -8.09
N SER A 85 12.06 -32.19 -8.80
CA SER A 85 12.15 -32.34 -10.25
C SER A 85 11.96 -31.00 -10.97
N GLU A 86 11.14 -30.10 -10.41
CA GLU A 86 10.94 -28.81 -11.06
C GLU A 86 12.17 -27.92 -10.91
N ALA A 87 12.87 -28.02 -9.78
CA ALA A 87 14.12 -27.26 -9.63
C ALA A 87 15.13 -27.63 -10.70
N ALA A 88 15.14 -28.90 -11.13
CA ALA A 88 16.06 -29.30 -12.19
C ALA A 88 15.64 -28.73 -13.53
N CYS A 89 14.33 -28.72 -13.82
CA CYS A 89 13.86 -28.10 -15.05
C CYS A 89 14.19 -26.61 -15.10
N MET A 90 14.48 -26.00 -13.95
CA MET A 90 14.75 -24.56 -13.89
C MET A 90 16.24 -24.23 -13.82
N LYS A 91 17.07 -25.14 -13.31
CA LYS A 91 18.50 -24.86 -13.23
C LYS A 91 19.14 -24.73 -14.61
N ASP A 92 18.47 -25.15 -15.67
CA ASP A 92 18.96 -24.97 -17.03
C ASP A 92 18.55 -23.63 -17.62
N PHE A 93 17.80 -22.81 -16.90
CA PHE A 93 17.48 -21.48 -17.36
C PHE A 93 18.74 -20.62 -17.42
N SER A 94 18.75 -19.66 -18.34
CA SER A 94 19.90 -18.76 -18.50
C SER A 94 19.38 -17.49 -19.18
N HIS A 95 19.04 -16.49 -18.36
CA HIS A 95 18.55 -15.23 -18.87
C HIS A 95 18.82 -14.15 -17.83
N PRO A 96 19.29 -12.97 -18.22
CA PRO A 96 19.58 -11.94 -17.21
C PRO A 96 18.34 -11.46 -16.47
N ASN A 97 17.19 -11.40 -17.12
CA ASN A 97 15.96 -10.95 -16.51
C ASN A 97 15.17 -12.08 -15.87
N VAL A 98 15.82 -13.19 -15.56
CA VAL A 98 15.21 -14.30 -14.83
C VAL A 98 16.20 -14.74 -13.76
N ILE A 99 15.72 -14.88 -12.53
CA ILE A 99 16.60 -15.28 -11.44
C ILE A 99 17.02 -16.73 -11.64
N ARG A 100 18.29 -17.01 -11.37
CA ARG A 100 18.86 -18.34 -11.59
C ARG A 100 18.85 -19.13 -10.29
N LEU A 101 18.49 -20.40 -10.38
CA LEU A 101 18.49 -21.29 -9.23
C LEU A 101 19.86 -21.95 -9.13
N LEU A 102 20.54 -21.72 -8.00
CA LEU A 102 21.89 -22.25 -7.83
C LEU A 102 21.89 -23.70 -7.35
N GLY A 103 20.83 -24.15 -6.70
CA GLY A 103 20.75 -25.53 -6.27
C GLY A 103 19.73 -25.69 -5.15
N VAL A 104 19.73 -26.89 -4.57
CA VAL A 104 18.81 -27.25 -3.51
C VAL A 104 19.57 -28.00 -2.43
N CYS A 105 19.17 -27.79 -1.18
CA CYS A 105 19.74 -28.48 -0.04
C CYS A 105 18.63 -29.13 0.78
N ILE A 106 19.01 -30.09 1.60
CA ILE A 106 18.05 -30.84 2.40
C ILE A 106 18.38 -30.67 3.89
N PRO A 116 13.95 -29.23 2.88
CA PRO A 116 14.39 -28.73 1.57
C PRO A 116 14.58 -27.22 1.56
N MET A 117 15.54 -26.74 0.77
CA MET A 117 15.88 -25.33 0.74
C MET A 117 16.34 -24.95 -0.66
N VAL A 118 15.91 -23.77 -1.12
CA VAL A 118 16.24 -23.29 -2.46
C VAL A 118 17.34 -22.24 -2.32
N ILE A 119 18.46 -22.46 -3.00
CA ILE A 119 19.60 -21.54 -2.97
C ILE A 119 19.50 -20.60 -4.16
N LEU A 120 19.60 -19.31 -3.89
CA LEU A 120 19.39 -18.28 -4.90
C LEU A 120 20.38 -17.15 -4.69
N PRO A 121 20.66 -16.35 -5.72
CA PRO A 121 21.61 -15.24 -5.56
C PRO A 121 21.15 -14.29 -4.46
N PHE A 122 22.05 -13.39 -4.09
CA PHE A 122 21.75 -12.32 -3.15
C PHE A 122 21.67 -11.01 -3.91
N MET A 123 20.62 -10.24 -3.64
CA MET A 123 20.36 -8.98 -4.32
C MET A 123 20.33 -7.90 -3.25
N LYS A 124 21.43 -7.18 -3.08
CA LYS A 124 21.51 -6.18 -2.02
C LYS A 124 20.51 -5.06 -2.21
N TYR A 125 19.94 -4.90 -3.41
CA TYR A 125 18.91 -3.91 -3.66
C TYR A 125 17.50 -4.43 -3.42
N GLY A 126 17.34 -5.72 -3.18
CA GLY A 126 16.07 -6.27 -2.79
C GLY A 126 15.02 -6.21 -3.88
N ASP A 127 13.77 -6.42 -3.46
CA ASP A 127 12.65 -6.50 -4.37
C ASP A 127 12.34 -5.13 -4.98
N LEU A 128 11.62 -5.15 -6.10
CA LEU A 128 11.28 -3.91 -6.81
C LEU A 128 10.21 -3.14 -6.06
N HIS A 129 9.24 -3.84 -5.47
CA HIS A 129 8.13 -3.17 -4.81
C HIS A 129 8.63 -2.26 -3.70
N THR A 130 9.46 -2.79 -2.80
CA THR A 130 10.00 -1.95 -1.72
C THR A 130 10.90 -0.86 -2.27
N TYR A 131 11.59 -1.12 -3.39
CA TYR A 131 12.44 -0.10 -3.98
C TYR A 131 11.63 1.07 -4.53
N LEU A 132 10.38 0.82 -4.93
CA LEU A 132 9.54 1.89 -5.43
C LEU A 132 9.04 2.78 -4.30
N LEU A 133 8.62 2.19 -3.19
CA LEU A 133 8.20 2.98 -2.03
C LEU A 133 9.36 3.82 -1.52
N TYR A 134 10.53 3.22 -1.38
CA TYR A 134 11.69 3.98 -0.90
C TYR A 134 11.99 5.18 -1.78
N SER A 135 11.92 5.00 -3.11
CA SER A 135 12.26 6.08 -4.02
C SER A 135 11.50 7.36 -3.69
N ARG A 136 10.29 7.23 -3.14
CA ARG A 136 9.49 8.38 -2.76
C ARG A 136 9.92 8.97 -1.42
N LEU A 137 10.90 8.37 -0.76
CA LEU A 137 11.47 8.93 0.47
C LEU A 137 12.83 9.52 0.13
N GLU A 138 13.06 10.77 0.56
CA GLU A 138 14.30 11.46 0.21
C GLU A 138 15.52 10.69 0.70
N THR A 139 15.38 9.90 1.76
CA THR A 139 16.49 9.08 2.23
C THR A 139 16.82 7.96 1.26
N GLY A 140 15.82 7.47 0.53
CA GLY A 140 16.01 6.36 -0.38
C GLY A 140 16.45 6.81 -1.76
N PRO A 141 16.32 5.93 -2.74
CA PRO A 141 16.75 6.27 -4.10
C PRO A 141 16.13 7.57 -4.60
N LYS A 142 16.87 8.28 -5.43
CA LYS A 142 16.36 9.49 -6.06
C LYS A 142 15.08 9.17 -6.83
N HIS A 143 14.22 10.17 -6.98
CA HIS A 143 13.00 10.03 -7.76
C HIS A 143 13.28 9.34 -9.08
N ILE A 144 12.56 8.24 -9.33
CA ILE A 144 12.75 7.43 -10.52
C ILE A 144 12.02 8.09 -11.68
N PRO A 145 12.71 8.48 -12.76
CA PRO A 145 11.99 9.05 -13.91
C PRO A 145 11.23 7.97 -14.67
N LEU A 146 10.41 8.43 -15.61
CA LEU A 146 9.59 7.50 -16.39
C LEU A 146 10.46 6.52 -17.17
N GLN A 147 11.56 7.01 -17.77
CA GLN A 147 12.41 6.15 -18.57
C GLN A 147 12.89 4.94 -17.77
N THR A 148 13.36 5.18 -16.54
CA THR A 148 13.81 4.08 -15.70
C THR A 148 12.65 3.15 -15.34
N LEU A 149 11.47 3.71 -15.08
CA LEU A 149 10.30 2.90 -14.80
C LEU A 149 9.99 1.96 -15.96
N LEU A 150 10.16 2.44 -17.20
CA LEU A 150 9.88 1.60 -18.35
C LEU A 150 10.94 0.52 -18.53
N LYS A 151 12.20 0.84 -18.24
CA LYS A 151 13.24 -0.18 -18.29
C LYS A 151 12.95 -1.32 -17.33
N PHE A 152 12.32 -1.01 -16.19
CA PHE A 152 11.88 -2.06 -15.29
C PHE A 152 10.85 -2.95 -15.96
N MET A 153 9.86 -2.33 -16.62
CA MET A 153 8.82 -3.10 -17.30
C MET A 153 9.41 -3.94 -18.42
N VAL A 154 10.30 -3.34 -19.23
CA VAL A 154 10.91 -4.07 -20.34
C VAL A 154 11.65 -5.30 -19.81
N ASP A 155 12.46 -5.12 -18.77
CA ASP A 155 13.20 -6.25 -18.20
C ASP A 155 12.25 -7.35 -17.78
N ILE A 156 11.22 -7.01 -16.99
CA ILE A 156 10.25 -8.00 -16.55
C ILE A 156 9.61 -8.69 -17.75
N ALA A 157 9.31 -7.92 -18.80
CA ALA A 157 8.70 -8.50 -19.99
C ALA A 157 9.67 -9.42 -20.72
N LEU A 158 10.94 -9.02 -20.79
CA LEU A 158 11.94 -9.87 -21.44
C LEU A 158 12.07 -11.21 -20.74
N GLY A 159 12.12 -11.21 -19.40
CA GLY A 159 12.19 -12.46 -18.68
C GLY A 159 10.94 -13.30 -18.87
N MET A 160 9.77 -12.67 -18.84
CA MET A 160 8.53 -13.41 -19.06
C MET A 160 8.43 -13.93 -20.49
N GLU A 161 8.95 -13.18 -21.47
CA GLU A 161 9.02 -13.69 -22.83
C GLU A 161 9.87 -14.95 -22.88
N TYR A 162 10.96 -14.98 -22.12
CA TYR A 162 11.82 -16.17 -22.07
C TYR A 162 11.09 -17.36 -21.47
N LEU A 163 10.22 -17.11 -20.48
CA LEU A 163 9.51 -18.21 -19.83
C LEU A 163 8.36 -18.72 -20.67
N SER A 164 7.68 -17.83 -21.39
CA SER A 164 6.60 -18.27 -22.28
C SER A 164 7.15 -19.08 -23.45
N ASN A 165 8.34 -18.75 -23.93
CA ASN A 165 8.99 -19.53 -24.96
C ASN A 165 9.33 -20.94 -24.51
N ARG A 166 9.14 -21.25 -23.23
CA ARG A 166 9.35 -22.59 -22.68
C ARG A 166 8.11 -23.13 -21.99
N ASN A 167 6.95 -22.50 -22.22
CA ASN A 167 5.67 -22.98 -21.69
C ASN A 167 5.68 -23.04 -20.17
N PHE A 168 6.50 -22.20 -19.54
CA PHE A 168 6.60 -22.14 -18.09
C PHE A 168 5.70 -21.02 -17.58
N LEU A 169 4.82 -21.35 -16.63
CA LEU A 169 3.88 -20.39 -16.07
C LEU A 169 4.40 -19.83 -14.76
N HIS A 170 4.26 -18.51 -14.60
CA HIS A 170 4.62 -17.81 -13.37
C HIS A 170 3.32 -17.48 -12.65
N ARG A 171 2.85 -18.43 -11.84
CA ARG A 171 1.51 -18.35 -11.27
C ARG A 171 1.38 -17.33 -10.14
N ASP A 172 2.33 -16.39 -10.01
CA ASP A 172 2.17 -15.29 -9.06
C ASP A 172 3.17 -14.18 -9.37
N LEU A 173 2.97 -13.48 -10.48
CA LEU A 173 3.82 -12.36 -10.86
C LEU A 173 3.33 -11.09 -10.17
N ALA A 174 4.27 -10.34 -9.59
CA ALA A 174 3.94 -9.12 -8.88
C ALA A 174 5.24 -8.41 -8.54
N ALA A 175 5.13 -7.10 -8.27
CA ALA A 175 6.32 -6.29 -8.00
C ALA A 175 7.13 -6.87 -6.85
N ARG A 176 6.46 -7.34 -5.80
CA ARG A 176 7.16 -7.94 -4.67
C ARG A 176 7.97 -9.16 -5.09
N ASN A 177 7.56 -9.83 -6.18
CA ASN A 177 8.26 -11.01 -6.68
C ASN A 177 9.28 -10.67 -7.76
N CYS A 178 9.76 -9.44 -7.81
CA CYS A 178 10.75 -9.02 -8.79
C CYS A 178 11.96 -8.47 -8.06
N MET A 179 13.14 -9.02 -8.38
CA MET A 179 14.37 -8.66 -7.71
C MET A 179 15.23 -7.75 -8.58
N LEU A 180 16.01 -6.90 -7.94
CA LEU A 180 16.89 -5.94 -8.61
C LEU A 180 18.33 -6.43 -8.51
N ARG A 181 18.97 -6.65 -9.65
CA ARG A 181 20.37 -7.04 -9.67
C ARG A 181 21.22 -5.88 -9.20
N ASP A 182 22.53 -6.15 -9.08
CA ASP A 182 23.47 -5.10 -8.68
C ASP A 182 23.58 -4.00 -9.70
N ASP A 183 23.14 -4.25 -10.95
CA ASP A 183 23.14 -3.25 -12.00
C ASP A 183 21.76 -2.65 -12.22
N MET A 184 20.80 -2.90 -11.32
CA MET A 184 19.44 -2.38 -11.36
C MET A 184 18.56 -3.04 -12.41
N THR A 185 19.04 -4.07 -13.11
CA THR A 185 18.18 -4.81 -14.01
C THR A 185 17.25 -5.70 -13.20
N VAL A 186 15.97 -5.71 -13.57
CA VAL A 186 14.97 -6.50 -12.86
C VAL A 186 15.00 -7.92 -13.38
N CYS A 187 14.84 -8.90 -12.49
CA CYS A 187 14.71 -10.29 -12.86
C CYS A 187 13.55 -10.90 -12.09
N VAL A 188 12.69 -11.63 -12.79
CA VAL A 188 11.52 -12.22 -12.16
C VAL A 188 11.96 -13.38 -11.27
N ALA A 189 11.23 -13.56 -10.17
CA ALA A 189 11.54 -14.62 -9.21
C ALA A 189 10.24 -15.19 -8.67
N ASP A 190 10.37 -16.14 -7.75
CA ASP A 190 9.23 -16.72 -7.04
C ASP A 190 8.27 -17.43 -7.99
N PHE A 191 8.80 -18.01 -9.06
CA PHE A 191 7.98 -18.76 -10.02
C PHE A 191 8.25 -20.25 -9.86
N GLY A 192 7.17 -21.02 -9.72
CA GLY A 192 7.25 -22.47 -9.62
C GLY A 192 7.39 -22.96 -8.20
N LEU A 193 7.36 -24.30 -8.07
CA LEU A 193 7.73 -25.05 -6.87
C LEU A 193 6.56 -25.27 -5.91
N SER A 194 5.51 -24.45 -5.98
CA SER A 194 4.36 -24.65 -5.10
C SER A 194 3.74 -26.02 -5.35
N PRO A 212 -3.20 -13.03 -2.90
CA PRO A 212 -2.98 -12.17 -4.07
C PRO A 212 -4.16 -12.22 -5.05
N VAL A 213 -5.33 -11.75 -4.61
CA VAL A 213 -6.49 -11.76 -5.48
C VAL A 213 -6.40 -10.66 -6.52
N LYS A 214 -5.85 -9.50 -6.14
CA LYS A 214 -5.81 -8.35 -7.03
C LYS A 214 -4.80 -8.50 -8.17
N TRP A 215 -4.12 -9.63 -8.27
CA TRP A 215 -3.24 -9.92 -9.40
C TRP A 215 -3.70 -11.10 -10.24
N ILE A 216 -4.68 -11.86 -9.79
CA ILE A 216 -5.15 -13.03 -10.53
C ILE A 216 -6.13 -12.60 -11.60
N ALA A 217 -6.04 -13.24 -12.76
CA ALA A 217 -6.90 -12.90 -13.89
C ALA A 217 -8.34 -13.28 -13.59
N ILE A 218 -9.27 -12.58 -14.24
CA ILE A 218 -10.70 -12.80 -13.99
C ILE A 218 -11.07 -14.25 -14.30
N GLU A 219 -10.58 -14.78 -15.42
CA GLU A 219 -10.93 -16.15 -15.77
C GLU A 219 -10.34 -17.16 -14.80
N SER A 220 -9.19 -16.83 -14.20
CA SER A 220 -8.55 -17.73 -13.26
C SER A 220 -9.20 -17.68 -11.88
N LEU A 221 -9.94 -16.62 -11.57
CA LEU A 221 -10.67 -16.57 -10.31
C LEU A 221 -11.83 -17.55 -10.30
N ALA A 222 -12.56 -17.65 -11.41
CA ALA A 222 -13.75 -18.51 -11.49
C ALA A 222 -13.36 -19.93 -11.86
N ASP A 223 -12.95 -20.13 -13.11
CA ASP A 223 -12.70 -21.46 -13.65
C ASP A 223 -11.52 -22.17 -13.02
N ARG A 224 -10.78 -21.53 -12.11
CA ARG A 224 -9.57 -22.12 -11.52
C ARG A 224 -8.58 -22.52 -12.61
N VAL A 225 -8.54 -21.74 -13.70
CA VAL A 225 -7.67 -22.00 -14.83
C VAL A 225 -6.49 -21.05 -14.75
N TYR A 226 -5.43 -21.37 -15.48
CA TYR A 226 -4.29 -20.45 -15.59
C TYR A 226 -3.50 -20.78 -16.85
N THR A 227 -3.48 -19.85 -17.80
CA THR A 227 -2.69 -19.95 -19.02
C THR A 227 -1.65 -18.83 -19.05
N SER A 228 -0.86 -18.80 -20.11
CA SER A 228 0.10 -17.71 -20.27
C SER A 228 -0.59 -16.37 -20.34
N LYS A 229 -1.84 -16.33 -20.83
CA LYS A 229 -2.58 -15.08 -20.85
C LYS A 229 -2.93 -14.62 -19.44
N SER A 230 -3.04 -15.54 -18.49
CA SER A 230 -3.28 -15.15 -17.10
C SER A 230 -2.03 -14.51 -16.49
N ASP A 231 -0.84 -14.91 -16.94
CA ASP A 231 0.38 -14.22 -16.55
C ASP A 231 0.40 -12.80 -17.11
N VAL A 232 -0.05 -12.63 -18.35
CA VAL A 232 -0.13 -11.30 -18.94
C VAL A 232 -1.00 -10.39 -18.08
N TRP A 233 -2.05 -10.94 -17.48
CA TRP A 233 -2.88 -10.16 -16.57
C TRP A 233 -2.07 -9.67 -15.38
N ALA A 234 -1.40 -10.59 -14.69
CA ALA A 234 -0.59 -10.20 -13.54
C ALA A 234 0.47 -9.19 -13.94
N PHE A 235 1.09 -9.37 -15.10
CA PHE A 235 2.07 -8.41 -15.58
C PHE A 235 1.45 -7.04 -15.79
N GLY A 236 0.25 -7.00 -16.36
CA GLY A 236 -0.45 -5.73 -16.50
C GLY A 236 -0.64 -5.03 -15.17
N VAL A 237 -1.03 -5.79 -14.14
CA VAL A 237 -1.13 -5.23 -12.81
C VAL A 237 0.25 -4.83 -12.30
N THR A 238 1.29 -5.57 -12.70
CA THR A 238 2.64 -5.24 -12.27
C THR A 238 3.10 -3.92 -12.88
N MET A 239 2.80 -3.70 -14.17
CA MET A 239 3.08 -2.40 -14.77
C MET A 239 2.39 -1.28 -13.99
N TRP A 240 1.18 -1.55 -13.49
CA TRP A 240 0.46 -0.55 -12.74
C TRP A 240 1.19 -0.21 -11.45
N GLU A 241 1.70 -1.22 -10.74
CA GLU A 241 2.48 -0.96 -9.54
C GLU A 241 3.70 -0.11 -9.84
N ILE A 242 4.39 -0.40 -10.95
CA ILE A 242 5.56 0.38 -11.32
C ILE A 242 5.17 1.80 -11.65
N ALA A 243 4.10 1.98 -12.44
CA ALA A 243 3.68 3.32 -12.82
C ALA A 243 3.24 4.14 -11.60
N THR A 244 2.73 3.47 -10.57
CA THR A 244 2.26 4.15 -9.37
C THR A 244 3.32 4.23 -8.27
N ARG A 245 4.45 3.56 -8.44
CA ARG A 245 5.52 3.58 -7.45
C ARG A 245 5.05 3.00 -6.11
N GLY A 246 4.39 1.84 -6.17
CA GLY A 246 4.11 1.04 -4.99
C GLY A 246 2.68 1.02 -4.53
N MET A 247 1.75 1.70 -5.21
CA MET A 247 0.37 1.68 -4.77
C MET A 247 -0.20 0.26 -4.82
N THR A 248 -1.10 -0.03 -3.89
CA THR A 248 -1.80 -1.30 -3.93
C THR A 248 -2.91 -1.24 -4.98
N PRO A 249 -3.07 -2.28 -5.80
CA PRO A 249 -4.07 -2.21 -6.88
C PRO A 249 -5.48 -1.99 -6.34
N TYR A 250 -6.31 -1.36 -7.16
CA TYR A 250 -7.72 -1.17 -6.87
C TYR A 250 -7.95 -0.49 -5.51
N PRO A 251 -7.39 0.70 -5.30
CA PRO A 251 -7.67 1.42 -4.06
C PRO A 251 -9.16 1.68 -3.90
N GLY A 252 -9.68 1.35 -2.72
CA GLY A 252 -11.09 1.46 -2.45
C GLY A 252 -11.90 0.24 -2.81
N VAL A 253 -11.28 -0.94 -2.87
CA VAL A 253 -11.97 -2.18 -3.20
C VAL A 253 -11.39 -3.28 -2.33
N GLN A 254 -12.26 -4.06 -1.69
CA GLN A 254 -11.82 -5.16 -0.85
C GLN A 254 -11.50 -6.39 -1.69
N ASN A 255 -10.72 -7.30 -1.11
CA ASN A 255 -10.36 -8.52 -1.83
C ASN A 255 -11.60 -9.34 -2.18
N HIS A 256 -12.58 -9.37 -1.28
CA HIS A 256 -13.80 -10.13 -1.54
C HIS A 256 -14.72 -9.47 -2.57
N GLU A 257 -14.38 -8.27 -3.03
CA GLU A 257 -15.16 -7.57 -4.04
C GLU A 257 -14.54 -7.65 -5.42
N MET A 258 -13.38 -8.30 -5.57
CA MET A 258 -12.64 -8.21 -6.82
C MET A 258 -13.38 -8.86 -7.97
N TYR A 259 -13.91 -10.07 -7.78
CA TYR A 259 -14.54 -10.78 -8.88
C TYR A 259 -15.72 -9.97 -9.43
N ASP A 260 -16.60 -9.50 -8.54
CA ASP A 260 -17.74 -8.71 -9.00
C ASP A 260 -17.30 -7.39 -9.61
N TYR A 261 -16.23 -6.80 -9.07
CA TYR A 261 -15.71 -5.55 -9.63
C TYR A 261 -15.22 -5.76 -11.06
N LEU A 262 -14.45 -6.81 -11.30
CA LEU A 262 -13.94 -7.09 -12.63
C LEU A 262 -15.03 -7.65 -13.54
N LEU A 263 -15.98 -8.39 -12.98
CA LEU A 263 -17.00 -9.02 -13.81
C LEU A 263 -17.92 -7.99 -14.45
N HIS A 264 -18.21 -6.90 -13.74
CA HIS A 264 -19.02 -5.82 -14.28
C HIS A 264 -18.27 -4.95 -15.27
N GLY A 265 -16.97 -5.18 -15.47
CA GLY A 265 -16.21 -4.48 -16.47
C GLY A 265 -15.27 -3.40 -15.95
N HIS A 266 -15.06 -3.32 -14.65
CA HIS A 266 -14.14 -2.33 -14.08
C HIS A 266 -12.72 -2.86 -14.07
N ARG A 267 -11.77 -1.94 -14.24
CA ARG A 267 -10.36 -2.29 -14.30
C ARG A 267 -9.56 -1.27 -13.51
N LEU A 268 -8.25 -1.47 -13.45
CA LEU A 268 -7.37 -0.51 -12.78
C LEU A 268 -7.44 0.83 -13.49
N LYS A 269 -7.56 1.90 -12.70
CA LYS A 269 -7.64 3.24 -13.25
C LYS A 269 -6.27 3.74 -13.66
N GLN A 270 -6.23 4.54 -14.72
CA GLN A 270 -4.98 5.08 -15.21
C GLN A 270 -4.34 5.95 -14.13
N PRO A 271 -3.06 5.77 -13.81
CA PRO A 271 -2.41 6.64 -12.82
C PRO A 271 -2.42 8.08 -13.27
N GLU A 272 -2.03 8.96 -12.33
CA GLU A 272 -2.10 10.40 -12.55
C GLU A 272 -1.30 10.83 -13.77
N ASP A 273 0.02 10.70 -13.72
CA ASP A 273 0.90 11.19 -14.77
C ASP A 273 1.19 10.13 -15.83
N CYS A 274 0.57 8.95 -15.74
CA CYS A 274 0.86 7.89 -16.69
C CYS A 274 0.47 8.30 -18.10
N LEU A 275 1.35 7.99 -19.06
CA LEU A 275 1.06 8.28 -20.46
C LEU A 275 -0.15 7.48 -20.92
N ASP A 276 -0.97 8.10 -21.76
CA ASP A 276 -2.09 7.37 -22.35
C ASP A 276 -1.59 6.15 -23.11
N GLU A 277 -0.43 6.27 -23.76
CA GLU A 277 0.10 5.16 -24.53
C GLU A 277 0.56 4.03 -23.62
N LEU A 278 1.12 4.38 -22.45
CA LEU A 278 1.53 3.35 -21.50
C LEU A 278 0.32 2.69 -20.85
N TYR A 279 -0.76 3.44 -20.64
CA TYR A 279 -1.95 2.85 -20.03
C TYR A 279 -2.67 1.94 -21.00
N GLU A 280 -2.69 2.29 -22.28
CA GLU A 280 -3.31 1.43 -23.29
C GLU A 280 -2.62 0.08 -23.37
N ILE A 281 -1.30 0.05 -23.18
CA ILE A 281 -0.57 -1.22 -23.17
C ILE A 281 -1.03 -2.07 -21.99
N MET A 282 -0.99 -1.50 -20.78
CA MET A 282 -1.37 -2.29 -19.61
C MET A 282 -2.86 -2.59 -19.60
N TYR A 283 -3.68 -1.75 -20.23
CA TYR A 283 -5.11 -2.03 -20.30
C TYR A 283 -5.37 -3.27 -21.15
N SER A 284 -4.63 -3.43 -22.25
CA SER A 284 -4.79 -4.61 -23.10
C SER A 284 -4.52 -5.90 -22.33
N CYS A 285 -3.74 -5.83 -21.25
CA CYS A 285 -3.45 -7.02 -20.47
C CYS A 285 -4.67 -7.52 -19.70
N TRP A 286 -5.67 -6.66 -19.46
CA TRP A 286 -6.83 -7.03 -18.66
C TRP A 286 -8.09 -7.21 -19.50
N ARG A 287 -7.95 -7.45 -20.81
CA ARG A 287 -9.11 -7.67 -21.64
C ARG A 287 -9.85 -8.93 -21.20
N THR A 288 -11.19 -8.86 -21.21
CA THR A 288 -12.00 -9.95 -20.67
C THR A 288 -11.65 -11.28 -21.31
N ASP A 289 -11.45 -11.30 -22.63
CA ASP A 289 -11.15 -12.53 -23.34
C ASP A 289 -9.65 -12.77 -23.31
N PRO A 290 -9.17 -13.89 -22.75
CA PRO A 290 -7.71 -14.13 -22.74
C PRO A 290 -7.10 -14.13 -24.13
N LEU A 291 -7.87 -14.50 -25.14
CA LEU A 291 -7.36 -14.58 -26.51
C LEU A 291 -7.14 -13.20 -27.12
N ASP A 292 -7.63 -12.14 -26.50
CA ASP A 292 -7.43 -10.78 -26.99
C ASP A 292 -6.23 -10.09 -26.32
N ARG A 293 -5.73 -10.63 -25.22
CA ARG A 293 -4.57 -10.05 -24.57
C ARG A 293 -3.31 -10.33 -25.38
N PRO A 294 -2.35 -9.42 -25.39
CA PRO A 294 -1.11 -9.67 -26.12
C PRO A 294 -0.22 -10.66 -25.40
N THR A 295 0.65 -11.31 -26.16
CA THR A 295 1.67 -12.16 -25.59
C THR A 295 2.78 -11.31 -24.98
N PHE A 296 3.72 -11.98 -24.31
CA PHE A 296 4.82 -11.25 -23.70
C PHE A 296 5.81 -10.75 -24.74
N SER A 297 5.96 -11.46 -25.86
CA SER A 297 6.85 -10.99 -26.91
C SER A 297 6.30 -9.76 -27.61
N VAL A 298 4.97 -9.64 -27.74
CA VAL A 298 4.38 -8.43 -28.28
C VAL A 298 4.52 -7.28 -27.29
N LEU A 299 4.25 -7.56 -26.01
CA LEU A 299 4.38 -6.53 -24.98
C LEU A 299 5.80 -5.98 -24.93
N ARG A 300 6.79 -6.87 -24.86
CA ARG A 300 8.17 -6.44 -24.73
C ARG A 300 8.54 -5.44 -25.82
N LEU A 301 8.10 -5.68 -27.05
CA LEU A 301 8.47 -4.79 -28.14
C LEU A 301 7.70 -3.48 -28.09
N GLN A 302 6.42 -3.53 -27.72
CA GLN A 302 5.65 -2.30 -27.54
C GLN A 302 6.25 -1.44 -26.44
N LEU A 303 6.82 -2.06 -25.40
CA LEU A 303 7.44 -1.30 -24.33
C LEU A 303 8.83 -0.80 -24.71
N GLU A 304 9.57 -1.60 -25.49
CA GLU A 304 10.89 -1.16 -25.95
C GLU A 304 10.78 0.03 -26.90
N LYS A 305 9.75 0.03 -27.75
CA LYS A 305 9.60 1.11 -28.73
C LYS A 305 9.16 2.40 -28.06
N LEU A 306 8.19 2.33 -27.14
CA LEU A 306 7.81 3.50 -26.38
C LEU A 306 9.00 4.07 -25.62
N LEU A 307 9.84 3.21 -25.06
CA LEU A 307 11.01 3.67 -24.33
C LEU A 307 11.98 4.40 -25.25
N GLU A 308 12.14 3.91 -26.48
CA GLU A 308 13.04 4.57 -27.42
C GLU A 308 12.48 5.91 -27.89
N SER A 309 11.15 6.07 -27.85
CA SER A 309 10.54 7.33 -28.29
C SER A 309 10.72 8.46 -27.28
N LEU A 310 11.23 8.16 -26.06
CA LEU A 310 11.45 9.19 -25.07
C LEU A 310 12.90 9.66 -25.11
N PRO A 311 13.17 10.90 -24.69
CA PRO A 311 14.57 11.37 -24.65
C PRO A 311 15.38 10.58 -23.64
N ASP A 312 16.70 10.61 -23.85
CA ASP A 312 17.62 9.87 -22.99
C ASP A 312 17.52 10.34 -21.54
N GLU B 27 -29.66 9.57 26.96
CA GLU B 27 -31.03 9.08 26.91
C GLU B 27 -31.95 10.11 26.24
N ASP B 28 -31.58 11.39 26.38
CA ASP B 28 -32.43 12.46 25.87
C ASP B 28 -32.52 12.44 24.36
N VAL B 29 -31.48 11.97 23.68
CA VAL B 29 -31.36 12.12 22.23
C VAL B 29 -31.54 10.78 21.51
N VAL B 30 -32.20 9.82 22.14
CA VAL B 30 -32.50 8.55 21.49
C VAL B 30 -33.70 8.75 20.57
N ILE B 31 -33.56 8.31 19.32
CA ILE B 31 -34.53 8.61 18.28
C ILE B 31 -35.43 7.39 18.07
N ASP B 32 -36.68 7.66 17.69
CA ASP B 32 -37.62 6.60 17.35
C ASP B 32 -37.11 5.82 16.14
N ARG B 33 -37.01 4.50 16.30
CA ARG B 33 -36.45 3.66 15.25
C ARG B 33 -37.18 3.84 13.92
N ASN B 34 -38.49 4.05 13.96
CA ASN B 34 -39.28 4.14 12.74
C ASN B 34 -39.12 5.46 12.01
N LEU B 35 -38.17 6.30 12.41
CA LEU B 35 -37.82 7.50 11.66
C LEU B 35 -36.58 7.29 10.80
N LEU B 36 -36.15 6.04 10.61
CA LEU B 36 -34.89 5.74 9.96
C LEU B 36 -35.13 4.71 8.87
N ILE B 37 -34.77 5.05 7.64
CA ILE B 37 -34.77 4.13 6.51
C ILE B 37 -33.33 3.77 6.20
N LEU B 38 -32.99 2.49 6.30
CA LEU B 38 -31.65 2.02 6.04
C LEU B 38 -31.52 1.58 4.58
N GLY B 39 -30.32 1.74 4.03
CA GLY B 39 -30.06 1.45 2.63
C GLY B 39 -28.84 0.56 2.47
N LYS B 40 -28.04 0.87 1.46
CA LYS B 40 -26.89 0.06 1.11
C LYS B 40 -25.81 0.15 2.19
N ILE B 41 -24.86 -0.77 2.12
CA ILE B 41 -23.70 -0.75 3.01
C ILE B 41 -22.65 0.18 2.42
N LEU B 42 -22.02 0.97 3.28
CA LEU B 42 -20.93 1.84 2.87
C LEU B 42 -19.55 1.28 3.22
N GLY B 43 -19.47 0.41 4.21
CA GLY B 43 -18.21 -0.18 4.62
C GLY B 43 -18.41 -1.04 5.85
N GLU B 44 -17.31 -1.33 6.53
CA GLU B 44 -17.32 -2.17 7.71
C GLU B 44 -16.89 -1.36 8.92
N GLY B 45 -17.24 -1.88 10.10
CA GLY B 45 -16.92 -1.24 11.36
C GLY B 45 -16.25 -2.20 12.31
N GLU B 46 -15.99 -1.70 13.52
CA GLU B 46 -15.30 -2.51 14.52
C GLU B 46 -16.13 -3.70 14.94
N PHE B 47 -17.41 -3.48 15.24
CA PHE B 47 -18.32 -4.53 15.69
C PHE B 47 -19.60 -4.52 14.87
N GLY B 48 -19.49 -4.26 13.58
CA GLY B 48 -20.65 -4.25 12.72
C GLY B 48 -20.37 -3.48 11.44
N SER B 49 -21.42 -3.33 10.65
CA SER B 49 -21.34 -2.68 9.35
C SER B 49 -21.83 -1.23 9.44
N VAL B 50 -21.35 -0.42 8.50
CA VAL B 50 -21.78 0.96 8.35
C VAL B 50 -22.69 1.04 7.13
N MET B 51 -23.80 1.78 7.27
CA MET B 51 -24.82 1.81 6.23
C MET B 51 -25.34 3.23 6.06
N GLU B 52 -25.82 3.51 4.85
CA GLU B 52 -26.50 4.75 4.58
C GLU B 52 -27.91 4.73 5.20
N GLY B 53 -28.54 5.89 5.23
CA GLY B 53 -29.88 5.98 5.76
C GLY B 53 -30.48 7.35 5.54
N ASN B 54 -31.81 7.41 5.65
CA ASN B 54 -32.56 8.64 5.61
C ASN B 54 -33.15 8.89 6.99
N LEU B 55 -32.77 10.01 7.60
CA LEU B 55 -33.28 10.38 8.92
C LEU B 55 -34.38 11.41 8.74
N LYS B 56 -35.60 11.05 9.11
CA LYS B 56 -36.70 12.00 9.14
C LYS B 56 -36.56 12.91 10.35
N GLN B 57 -36.49 14.20 10.11
CA GLN B 57 -36.20 15.18 11.16
C GLN B 57 -37.49 15.79 11.69
N GLU B 58 -37.36 16.49 12.82
CA GLU B 58 -38.49 17.23 13.37
C GLU B 58 -38.92 18.37 12.46
N ASP B 59 -38.07 18.77 11.51
CA ASP B 59 -38.41 19.80 10.54
C ASP B 59 -39.36 19.29 9.46
N GLY B 60 -39.48 17.97 9.29
CA GLY B 60 -40.32 17.38 8.27
C GLY B 60 -39.53 16.76 7.13
N THR B 61 -38.36 17.32 6.81
CA THR B 61 -37.55 16.82 5.72
C THR B 61 -36.74 15.60 6.17
N SER B 62 -36.29 14.82 5.19
CA SER B 62 -35.42 13.68 5.44
C SER B 62 -33.97 14.07 5.20
N LEU B 63 -33.08 13.50 6.00
CA LEU B 63 -31.65 13.82 5.95
C LEU B 63 -30.85 12.57 5.65
N LYS B 64 -29.88 12.68 4.75
CA LYS B 64 -28.99 11.57 4.43
C LYS B 64 -27.99 11.41 5.56
N VAL B 65 -27.93 10.21 6.13
CA VAL B 65 -27.09 9.95 7.30
C VAL B 65 -26.33 8.64 7.07
N ALA B 66 -25.43 8.35 8.01
CA ALA B 66 -24.72 7.09 8.08
C ALA B 66 -25.05 6.43 9.41
N VAL B 67 -25.18 5.10 9.39
CA VAL B 67 -25.65 4.36 10.55
C VAL B 67 -24.67 3.23 10.87
N LYS B 68 -24.48 2.97 12.15
CA LYS B 68 -23.64 1.88 12.61
C LYS B 68 -24.45 0.82 13.33
N GLU B 86 -23.13 7.13 27.33
CA GLU B 86 -21.96 6.90 26.49
C GLU B 86 -21.95 7.89 25.32
N ALA B 87 -22.39 7.44 24.14
CA ALA B 87 -22.42 8.29 22.96
C ALA B 87 -23.07 9.64 23.23
N ALA B 88 -23.90 9.74 24.27
CA ALA B 88 -24.47 11.03 24.64
C ALA B 88 -23.38 12.04 24.97
N CYS B 89 -22.23 11.57 25.47
CA CYS B 89 -21.11 12.46 25.75
C CYS B 89 -20.57 13.13 24.49
N MET B 90 -20.99 12.67 23.30
CA MET B 90 -20.55 13.26 22.05
C MET B 90 -21.63 14.08 21.37
N LYS B 91 -22.89 13.90 21.73
CA LYS B 91 -23.91 14.86 21.30
C LYS B 91 -23.57 16.27 21.75
N ASP B 92 -22.89 16.38 22.90
CA ASP B 92 -22.46 17.71 23.37
C ASP B 92 -21.32 18.26 22.54
N PHE B 93 -20.48 17.39 21.97
CA PHE B 93 -19.41 17.83 21.09
C PHE B 93 -19.97 18.71 19.98
N SER B 94 -19.37 19.89 19.81
CA SER B 94 -19.77 20.81 18.75
C SER B 94 -18.51 21.48 18.22
N HIS B 95 -18.10 21.07 17.02
CA HIS B 95 -16.91 21.62 16.38
C HIS B 95 -16.92 21.23 14.91
N PRO B 96 -16.79 22.18 13.99
CA PRO B 96 -16.89 21.83 12.57
C PRO B 96 -15.89 20.77 12.14
N ASN B 97 -14.71 20.74 12.77
CA ASN B 97 -13.70 19.73 12.49
C ASN B 97 -13.84 18.50 13.38
N VAL B 98 -14.91 18.41 14.16
CA VAL B 98 -15.26 17.20 14.89
C VAL B 98 -16.64 16.78 14.43
N ILE B 99 -16.85 15.47 14.40
CA ILE B 99 -18.03 14.89 13.77
C ILE B 99 -19.11 14.72 14.83
N ARG B 100 -20.33 15.15 14.52
CA ARG B 100 -21.37 15.41 15.50
C ARG B 100 -22.41 14.28 15.52
N LEU B 101 -22.78 13.82 16.72
CA LEU B 101 -23.77 12.76 16.86
C LEU B 101 -25.18 13.31 16.73
N LEU B 102 -26.00 12.63 15.92
CA LEU B 102 -27.38 13.03 15.68
C LEU B 102 -28.38 12.28 16.56
N GLY B 103 -28.11 11.02 16.88
CA GLY B 103 -29.02 10.26 17.71
C GLY B 103 -28.64 8.80 17.73
N VAL B 104 -29.47 8.02 18.43
CA VAL B 104 -29.27 6.59 18.58
C VAL B 104 -30.63 5.90 18.50
N CYS B 105 -30.65 4.72 17.90
CA CYS B 105 -31.88 3.93 17.79
C CYS B 105 -31.74 2.60 18.50
N PRO B 116 -28.53 -2.02 18.59
CA PRO B 116 -28.46 -0.55 18.66
C PRO B 116 -27.77 0.07 17.46
N MET B 117 -28.30 1.20 16.98
CA MET B 117 -27.77 1.90 15.82
C MET B 117 -27.41 3.33 16.23
N VAL B 118 -26.33 3.84 15.67
CA VAL B 118 -25.83 5.18 15.97
C VAL B 118 -25.88 6.01 14.69
N ILE B 119 -26.61 7.12 14.73
CA ILE B 119 -26.97 7.89 13.54
C ILE B 119 -25.98 9.03 13.38
N LEU B 120 -25.25 9.03 12.26
CA LEU B 120 -24.16 9.95 12.02
C LEU B 120 -24.32 10.61 10.66
N PRO B 121 -23.69 11.78 10.43
CA PRO B 121 -23.87 12.48 9.15
C PRO B 121 -23.34 11.70 7.97
N PHE B 122 -23.55 12.24 6.77
CA PHE B 122 -23.10 11.63 5.53
C PHE B 122 -22.01 12.51 4.92
N MET B 123 -20.84 11.94 4.73
CA MET B 123 -19.66 12.63 4.19
C MET B 123 -19.44 12.11 2.78
N LYS B 124 -20.09 12.74 1.80
CA LYS B 124 -20.11 12.17 0.45
C LYS B 124 -18.72 11.94 -0.13
N TYR B 125 -17.67 12.40 0.53
CA TYR B 125 -16.30 12.17 0.08
C TYR B 125 -15.57 11.12 0.91
N GLY B 126 -16.25 10.50 1.86
CA GLY B 126 -15.69 9.36 2.57
C GLY B 126 -14.43 9.67 3.35
N ASP B 127 -13.70 8.60 3.64
CA ASP B 127 -12.50 8.70 4.46
C ASP B 127 -11.39 9.42 3.71
N LEU B 128 -10.49 10.04 4.47
CA LEU B 128 -9.40 10.80 3.86
C LEU B 128 -8.37 9.88 3.20
N HIS B 129 -8.09 8.74 3.82
CA HIS B 129 -7.08 7.84 3.29
C HIS B 129 -7.40 7.41 1.87
N THR B 130 -8.60 6.86 1.66
CA THR B 130 -8.99 6.41 0.33
C THR B 130 -9.09 7.59 -0.63
N TYR B 131 -9.46 8.78 -0.12
CA TYR B 131 -9.52 9.95 -0.97
C TYR B 131 -8.14 10.37 -1.46
N LEU B 132 -7.11 10.18 -0.63
CA LEU B 132 -5.75 10.53 -1.04
C LEU B 132 -5.28 9.64 -2.18
N LEU B 133 -5.61 8.35 -2.13
CA LEU B 133 -5.17 7.44 -3.19
C LEU B 133 -5.88 7.75 -4.50
N TYR B 134 -7.19 7.99 -4.46
CA TYR B 134 -7.92 8.32 -5.68
C TYR B 134 -7.32 9.54 -6.38
N SER B 135 -6.89 10.53 -5.61
CA SER B 135 -6.34 11.74 -6.22
C SER B 135 -5.14 11.43 -7.09
N ARG B 136 -4.41 10.37 -6.77
CA ARG B 136 -3.26 9.94 -7.56
C ARG B 136 -3.66 9.15 -8.79
N LEU B 137 -4.96 9.03 -9.06
CA LEU B 137 -5.47 8.38 -10.25
C LEU B 137 -6.24 9.41 -11.08
N GLU B 138 -6.06 9.36 -12.40
CA GLU B 138 -6.90 10.16 -13.27
C GLU B 138 -8.36 9.75 -13.08
N THR B 139 -9.27 10.63 -13.51
CA THR B 139 -10.71 10.48 -13.28
C THR B 139 -11.06 10.83 -11.84
N GLY B 140 -10.24 10.39 -10.89
CA GLY B 140 -10.41 10.80 -9.52
C GLY B 140 -10.15 12.27 -9.34
N PRO B 141 -10.24 12.74 -8.09
CA PRO B 141 -10.03 14.17 -7.82
C PRO B 141 -8.68 14.64 -8.33
N LYS B 142 -8.64 15.92 -8.72
CA LYS B 142 -7.43 16.52 -9.24
C LYS B 142 -6.28 16.36 -8.23
N HIS B 143 -5.06 16.34 -8.76
CA HIS B 143 -3.88 16.27 -7.91
C HIS B 143 -3.95 17.33 -6.82
N ILE B 144 -3.86 16.88 -5.56
CA ILE B 144 -4.03 17.76 -4.41
C ILE B 144 -2.74 18.54 -4.20
N PRO B 145 -2.76 19.88 -4.24
CA PRO B 145 -1.54 20.64 -3.99
C PRO B 145 -1.15 20.63 -2.52
N LEU B 146 -0.01 21.28 -2.19
CA LEU B 146 0.45 21.28 -0.81
C LEU B 146 -0.50 22.05 0.09
N GLN B 147 -1.00 23.21 -0.37
CA GLN B 147 -1.90 24.00 0.45
C GLN B 147 -3.09 23.18 0.92
N THR B 148 -3.74 22.47 -0.01
CA THR B 148 -4.89 21.64 0.36
C THR B 148 -4.48 20.52 1.30
N LEU B 149 -3.27 19.98 1.10
CA LEU B 149 -2.78 18.93 2.00
C LEU B 149 -2.61 19.46 3.42
N LEU B 150 -2.01 20.65 3.56
CA LEU B 150 -1.83 21.23 4.88
C LEU B 150 -3.18 21.54 5.53
N LYS B 151 -4.15 22.00 4.74
CA LYS B 151 -5.48 22.24 5.28
C LYS B 151 -6.07 20.98 5.89
N PHE B 152 -5.83 19.83 5.27
CA PHE B 152 -6.23 18.56 5.87
C PHE B 152 -5.60 18.39 7.25
N MET B 153 -4.35 18.81 7.40
CA MET B 153 -3.66 18.68 8.67
C MET B 153 -4.13 19.70 9.68
N VAL B 154 -4.49 20.91 9.24
CA VAL B 154 -4.98 21.93 10.15
C VAL B 154 -6.36 21.55 10.69
N ASP B 155 -7.24 21.06 9.82
CA ASP B 155 -8.56 20.64 10.28
C ASP B 155 -8.46 19.56 11.35
N ILE B 156 -7.63 18.55 11.11
CA ILE B 156 -7.46 17.47 12.08
C ILE B 156 -6.88 18.03 13.38
N ALA B 157 -5.86 18.90 13.28
CA ALA B 157 -5.30 19.50 14.47
C ALA B 157 -6.34 20.33 15.22
N LEU B 158 -7.15 21.09 14.49
CA LEU B 158 -8.22 21.84 15.13
C LEU B 158 -9.19 20.92 15.86
N GLY B 159 -9.49 19.76 15.27
CA GLY B 159 -10.39 18.83 15.93
C GLY B 159 -9.77 18.18 17.15
N MET B 160 -8.49 17.80 17.06
CA MET B 160 -7.82 17.24 18.22
C MET B 160 -7.55 18.30 19.28
N GLU B 161 -7.33 19.54 18.87
CA GLU B 161 -7.24 20.63 19.83
C GLU B 161 -8.51 20.76 20.64
N TYR B 162 -9.66 20.49 20.01
CA TYR B 162 -10.94 20.55 20.72
C TYR B 162 -11.06 19.40 21.73
N LEU B 163 -10.87 18.17 21.26
CA LEU B 163 -11.05 17.01 22.14
C LEU B 163 -10.00 16.96 23.24
N SER B 164 -8.78 17.40 22.95
CA SER B 164 -7.73 17.38 23.97
C SER B 164 -8.04 18.36 25.10
N ASN B 165 -8.59 19.52 24.76
CA ASN B 165 -9.00 20.48 25.79
C ASN B 165 -10.09 19.91 26.68
N ARG B 166 -10.86 18.94 26.19
CA ARG B 166 -11.87 18.25 27.00
C ARG B 166 -11.37 16.93 27.55
N ASN B 167 -10.05 16.69 27.51
CA ASN B 167 -9.46 15.49 28.09
C ASN B 167 -10.08 14.23 27.50
N PHE B 168 -10.29 14.24 26.18
CA PHE B 168 -10.80 13.08 25.46
C PHE B 168 -9.70 12.52 24.59
N LEU B 169 -9.45 11.21 24.69
CA LEU B 169 -8.37 10.55 23.98
C LEU B 169 -8.92 9.75 22.82
N HIS B 170 -8.39 10.03 21.63
CA HIS B 170 -8.76 9.32 20.40
C HIS B 170 -7.71 8.26 20.14
N ARG B 171 -7.98 7.03 20.56
CA ARG B 171 -6.97 5.99 20.58
C ARG B 171 -6.73 5.33 19.23
N ASP B 172 -7.48 5.70 18.19
CA ASP B 172 -7.30 5.14 16.85
C ASP B 172 -7.33 6.29 15.83
N LEU B 173 -6.38 7.20 15.95
CA LEU B 173 -6.27 8.34 15.04
C LEU B 173 -5.44 7.93 13.83
N ALA B 174 -6.05 7.98 12.64
CA ALA B 174 -5.36 7.59 11.42
C ALA B 174 -6.09 8.24 10.24
N ALA B 175 -5.38 8.30 9.11
CA ALA B 175 -5.95 8.91 7.92
C ALA B 175 -7.23 8.23 7.49
N ARG B 176 -7.37 6.93 7.79
CA ARG B 176 -8.59 6.21 7.42
C ARG B 176 -9.77 6.62 8.28
N ASN B 177 -9.51 7.08 9.51
CA ASN B 177 -10.56 7.47 10.44
C ASN B 177 -10.92 8.95 10.35
N CYS B 178 -10.51 9.62 9.28
CA CYS B 178 -10.86 11.02 9.04
C CYS B 178 -11.80 11.11 7.84
N MET B 179 -12.84 11.93 7.98
CA MET B 179 -13.90 12.02 6.98
C MET B 179 -13.91 13.41 6.35
N LEU B 180 -14.35 13.46 5.09
CA LEU B 180 -14.37 14.69 4.30
C LEU B 180 -15.81 15.17 4.14
N ARG B 181 -16.11 16.33 4.71
CA ARG B 181 -17.43 16.91 4.56
C ARG B 181 -17.66 17.36 3.12
N ASP B 182 -18.90 17.79 2.85
CA ASP B 182 -19.24 18.26 1.52
C ASP B 182 -18.40 19.46 1.12
N ASP B 183 -17.91 20.23 2.08
CA ASP B 183 -17.07 21.39 1.83
C ASP B 183 -15.58 21.06 1.88
N MET B 184 -15.23 19.78 1.77
CA MET B 184 -13.84 19.33 1.77
C MET B 184 -13.12 19.63 3.09
N THR B 185 -13.86 19.92 4.15
CA THR B 185 -13.27 20.10 5.47
C THR B 185 -13.22 18.76 6.19
N VAL B 186 -12.04 18.42 6.71
CA VAL B 186 -11.85 17.14 7.39
C VAL B 186 -12.38 17.24 8.81
N CYS B 187 -12.89 16.12 9.32
CA CYS B 187 -13.28 16.05 10.72
C CYS B 187 -13.02 14.64 11.22
N VAL B 188 -12.54 14.55 12.47
CA VAL B 188 -12.08 13.29 13.03
C VAL B 188 -13.26 12.40 13.42
N ALA B 189 -13.02 11.09 13.41
CA ALA B 189 -14.05 10.12 13.74
C ALA B 189 -13.37 8.90 14.38
N ASP B 190 -14.18 7.88 14.69
CA ASP B 190 -13.70 6.64 15.30
C ASP B 190 -13.01 6.91 16.65
N PHE B 191 -13.58 7.83 17.42
CA PHE B 191 -13.05 8.13 18.76
C PHE B 191 -14.02 7.65 19.83
N PRO B 212 -3.55 -1.92 14.56
CA PRO B 212 -2.98 -0.63 14.17
C PRO B 212 -1.70 -0.31 14.93
N VAL B 213 -0.64 -1.06 14.65
CA VAL B 213 0.60 -0.90 15.40
C VAL B 213 1.38 0.31 14.91
N LYS B 214 1.41 0.53 13.60
CA LYS B 214 2.26 1.58 13.02
C LYS B 214 1.79 2.98 13.39
N TRP B 215 0.67 3.12 14.10
CA TRP B 215 0.23 4.42 14.60
C TRP B 215 0.38 4.56 16.10
N ILE B 216 0.68 3.48 16.82
CA ILE B 216 0.76 3.52 18.28
C ILE B 216 2.11 4.06 18.69
N ALA B 217 2.11 4.97 19.67
CA ALA B 217 3.34 5.54 20.19
C ALA B 217 4.16 4.47 20.92
N ILE B 218 5.47 4.69 20.95
CA ILE B 218 6.38 3.68 21.49
C ILE B 218 6.01 3.34 22.93
N GLU B 219 5.69 4.36 23.74
CA GLU B 219 5.38 4.11 25.14
C GLU B 219 4.10 3.29 25.28
N SER B 220 3.16 3.43 24.34
CA SER B 220 1.91 2.69 24.42
C SER B 220 2.08 1.24 23.97
N LEU B 221 3.05 0.97 23.10
CA LEU B 221 3.38 -0.41 22.77
C LEU B 221 3.85 -1.17 24.00
N ALA B 222 4.56 -0.49 24.91
CA ALA B 222 5.04 -1.14 26.12
C ALA B 222 3.90 -1.44 27.08
N ASP B 223 2.92 -0.55 27.16
CA ASP B 223 1.79 -0.72 28.08
C ASP B 223 0.51 -1.01 27.32
N TYR B 226 -1.58 5.18 27.78
CA TYR B 226 -2.03 5.99 26.65
C TYR B 226 -2.57 7.33 27.13
N THR B 227 -2.07 8.42 26.56
CA THR B 227 -2.47 9.77 26.94
C THR B 227 -2.71 10.59 25.69
N SER B 228 -3.02 11.87 25.88
CA SER B 228 -3.18 12.78 24.75
C SER B 228 -1.90 12.90 23.95
N LYS B 229 -0.74 12.72 24.59
CA LYS B 229 0.52 12.72 23.87
C LYS B 229 0.65 11.53 22.93
N SER B 230 -0.11 10.46 23.16
CA SER B 230 -0.14 9.35 22.21
C SER B 230 -0.93 9.69 20.97
N ASP B 231 -1.97 10.52 21.10
CA ASP B 231 -2.68 11.00 19.93
C ASP B 231 -1.81 11.93 19.11
N VAL B 232 -0.97 12.72 19.77
CA VAL B 232 0.00 13.55 19.07
C VAL B 232 0.88 12.69 18.17
N TRP B 233 1.34 11.55 18.70
CA TRP B 233 2.12 10.62 17.90
C TRP B 233 1.32 10.14 16.68
N ALA B 234 0.12 9.62 16.92
CA ALA B 234 -0.72 9.16 15.82
C ALA B 234 -1.02 10.28 14.84
N PHE B 235 -1.19 11.51 15.34
CA PHE B 235 -1.38 12.64 14.45
C PHE B 235 -0.17 12.83 13.54
N GLY B 236 1.03 12.69 14.09
CA GLY B 236 2.21 12.78 13.25
C GLY B 236 2.23 11.76 12.14
N VAL B 237 1.82 10.53 12.44
CA VAL B 237 1.73 9.49 11.41
C VAL B 237 0.69 9.89 10.36
N THR B 238 -0.41 10.50 10.80
CA THR B 238 -1.42 10.95 9.85
C THR B 238 -0.87 12.05 8.95
N MET B 239 -0.10 12.98 9.51
CA MET B 239 0.58 13.97 8.69
C MET B 239 1.47 13.30 7.65
N TRP B 240 2.03 12.13 7.98
CA TRP B 240 2.85 11.40 7.03
C TRP B 240 1.99 10.74 5.96
N GLU B 241 0.87 10.13 6.36
CA GLU B 241 -0.06 9.57 5.40
C GLU B 241 -0.51 10.64 4.40
N ILE B 242 -0.76 11.85 4.87
CA ILE B 242 -1.20 12.93 3.99
C ILE B 242 -0.05 13.41 3.11
N ALA B 243 1.12 13.61 3.70
CA ALA B 243 2.28 14.08 2.94
C ALA B 243 2.61 13.11 1.82
N THR B 244 2.45 11.81 2.06
CA THR B 244 2.74 10.79 1.08
C THR B 244 1.54 10.46 0.19
N ARG B 245 0.36 10.99 0.51
CA ARG B 245 -0.84 10.76 -0.29
C ARG B 245 -1.21 9.28 -0.29
N GLY B 246 -1.21 8.67 0.88
CA GLY B 246 -1.76 7.34 1.07
C GLY B 246 -0.78 6.21 1.21
N MET B 247 0.52 6.51 1.38
CA MET B 247 1.48 5.44 1.61
C MET B 247 1.26 4.79 2.96
N THR B 248 1.60 3.52 3.05
CA THR B 248 1.51 2.83 4.33
C THR B 248 2.75 3.14 5.16
N PRO B 249 2.60 3.46 6.45
CA PRO B 249 3.76 3.86 7.25
C PRO B 249 4.84 2.78 7.28
N TYR B 250 6.09 3.23 7.36
CA TYR B 250 7.25 2.37 7.56
C TYR B 250 7.36 1.31 6.48
N PRO B 251 7.55 1.70 5.21
CA PRO B 251 7.76 0.68 4.17
C PRO B 251 9.03 -0.11 4.42
N GLY B 252 8.94 -1.42 4.23
CA GLY B 252 10.05 -2.31 4.48
C GLY B 252 10.14 -2.83 5.90
N VAL B 253 9.19 -2.48 6.76
CA VAL B 253 9.19 -2.89 8.16
C VAL B 253 7.91 -3.67 8.43
N GLN B 254 8.03 -4.82 9.06
CA GLN B 254 6.88 -5.63 9.43
C GLN B 254 6.30 -5.15 10.76
N ASN B 255 5.04 -5.47 10.99
CA ASN B 255 4.37 -5.02 12.21
C ASN B 255 5.11 -5.46 13.46
N HIS B 256 5.63 -6.70 13.46
CA HIS B 256 6.32 -7.21 14.63
C HIS B 256 7.68 -6.55 14.84
N GLU B 257 8.24 -5.92 13.81
CA GLU B 257 9.53 -5.24 13.91
C GLU B 257 9.40 -3.80 14.39
N MET B 258 8.18 -3.32 14.66
CA MET B 258 7.98 -1.90 14.91
C MET B 258 8.60 -1.46 16.23
N TYR B 259 8.33 -2.17 17.31
CA TYR B 259 8.83 -1.75 18.62
C TYR B 259 10.35 -1.65 18.62
N ASP B 260 11.02 -2.72 18.18
CA ASP B 260 12.49 -2.70 18.13
C ASP B 260 12.97 -1.65 17.14
N TYR B 261 12.25 -1.47 16.03
CA TYR B 261 12.60 -0.43 15.07
C TYR B 261 12.50 0.95 15.70
N LEU B 262 11.42 1.20 16.44
CA LEU B 262 11.28 2.47 17.14
C LEU B 262 12.19 2.54 18.36
N LEU B 263 12.34 1.42 19.08
CA LEU B 263 13.14 1.41 20.29
C LEU B 263 14.60 1.68 20.02
N HIS B 264 15.08 1.42 18.79
CA HIS B 264 16.44 1.76 18.41
C HIS B 264 16.56 3.21 17.94
N GLY B 265 15.47 3.96 17.88
CA GLY B 265 15.52 5.37 17.57
C GLY B 265 15.14 5.74 16.15
N HIS B 266 14.59 4.82 15.37
CA HIS B 266 14.20 5.11 13.99
C HIS B 266 12.79 5.63 13.93
N ARG B 267 12.51 6.43 12.90
CA ARG B 267 11.21 7.07 12.73
C ARG B 267 10.85 7.07 11.25
N LEU B 268 9.62 7.53 10.97
CA LEU B 268 9.18 7.64 9.59
C LEU B 268 10.09 8.58 8.82
N LYS B 269 10.57 8.12 7.67
CA LYS B 269 11.48 8.92 6.86
C LYS B 269 10.73 10.07 6.20
N GLN B 270 11.49 11.03 5.72
CA GLN B 270 10.91 12.24 5.15
C GLN B 270 10.41 11.96 3.74
N PRO B 271 9.17 12.33 3.40
CA PRO B 271 8.72 12.18 2.02
C PRO B 271 9.57 13.00 1.05
N GLU B 272 9.50 12.63 -0.22
CA GLU B 272 10.36 13.22 -1.24
C GLU B 272 10.25 14.74 -1.26
N ASP B 273 9.14 15.26 -1.78
CA ASP B 273 8.95 16.70 -1.96
C ASP B 273 8.27 17.35 -0.76
N CYS B 274 8.64 16.94 0.45
CA CYS B 274 8.06 17.49 1.67
C CYS B 274 8.99 18.54 2.25
N LEU B 275 8.44 19.72 2.53
CA LEU B 275 9.23 20.80 3.10
C LEU B 275 9.87 20.36 4.41
N ASP B 276 11.15 20.70 4.59
CA ASP B 276 11.80 20.46 5.87
C ASP B 276 11.03 21.14 7.00
N GLU B 277 10.42 22.30 6.73
CA GLU B 277 9.60 22.97 7.73
C GLU B 277 8.43 22.09 8.15
N LEU B 278 7.88 21.33 7.20
CA LEU B 278 6.74 20.46 7.52
C LEU B 278 7.20 19.18 8.21
N TYR B 279 8.35 18.63 7.79
CA TYR B 279 8.83 17.40 8.42
C TYR B 279 9.32 17.64 9.84
N GLU B 280 9.80 18.85 10.13
CA GLU B 280 10.22 19.17 11.50
C GLU B 280 9.03 19.13 12.46
N ILE B 281 7.84 19.45 11.98
CA ILE B 281 6.65 19.42 12.83
C ILE B 281 6.25 17.98 13.13
N MET B 282 5.97 17.21 12.08
CA MET B 282 5.55 15.82 12.29
C MET B 282 6.62 15.02 13.02
N TYR B 283 7.90 15.40 12.87
CA TYR B 283 8.96 14.68 13.56
C TYR B 283 8.90 14.97 15.07
N SER B 284 8.54 16.19 15.45
CA SER B 284 8.41 16.52 16.86
C SER B 284 7.30 15.71 17.53
N CYS B 285 6.39 15.14 16.74
CA CYS B 285 5.32 14.31 17.28
C CYS B 285 5.81 12.93 17.72
N TRP B 286 7.01 12.51 17.31
CA TRP B 286 7.51 11.17 17.62
C TRP B 286 8.71 11.21 18.56
N ARG B 287 8.89 12.30 19.31
CA ARG B 287 9.98 12.34 20.28
C ARG B 287 9.77 11.29 21.35
N THR B 288 10.87 10.62 21.74
CA THR B 288 10.77 9.48 22.63
C THR B 288 9.97 9.80 23.88
N ASP B 289 10.34 10.87 24.58
CA ASP B 289 9.61 11.26 25.78
C ASP B 289 8.31 11.94 25.39
N PRO B 290 7.16 11.47 25.88
CA PRO B 290 5.89 12.15 25.51
C PRO B 290 5.87 13.62 25.89
N LEU B 291 6.48 13.98 27.01
CA LEU B 291 6.45 15.35 27.47
C LEU B 291 7.17 16.30 26.52
N ASP B 292 8.08 15.78 25.70
CA ASP B 292 8.81 16.62 24.74
C ASP B 292 8.02 16.89 23.48
N ARG B 293 6.89 16.22 23.27
CA ARG B 293 6.09 16.43 22.07
C ARG B 293 5.19 17.65 22.25
N PRO B 294 4.82 18.30 21.15
CA PRO B 294 3.95 19.47 21.26
C PRO B 294 2.49 19.09 21.47
N THR B 295 1.75 20.02 22.06
CA THR B 295 0.31 19.86 22.19
C THR B 295 -0.38 20.20 20.88
N PHE B 296 -1.61 19.70 20.73
CA PHE B 296 -2.33 19.91 19.48
C PHE B 296 -2.52 21.38 19.16
N SER B 297 -2.69 22.22 20.19
CA SER B 297 -2.83 23.65 19.94
C SER B 297 -1.54 24.23 19.36
N VAL B 298 -0.39 23.77 19.85
CA VAL B 298 0.88 24.23 19.30
C VAL B 298 1.03 23.74 17.86
N LEU B 299 0.73 22.45 17.62
CA LEU B 299 0.80 21.91 16.26
C LEU B 299 -0.16 22.65 15.34
N ARG B 300 -1.39 22.89 15.80
CA ARG B 300 -2.37 23.55 14.94
C ARG B 300 -1.87 24.90 14.45
N LEU B 301 -1.09 25.61 15.26
CA LEU B 301 -0.59 26.92 14.84
C LEU B 301 0.66 26.79 13.99
N GLN B 302 1.55 25.86 14.31
CA GLN B 302 2.71 25.62 13.47
C GLN B 302 2.30 25.29 12.04
N LEU B 303 1.15 24.64 11.87
CA LEU B 303 0.66 24.30 10.53
C LEU B 303 -0.07 25.48 9.89
N GLU B 304 -0.90 26.19 10.67
CA GLU B 304 -1.58 27.36 10.15
C GLU B 304 -0.58 28.42 9.67
N LYS B 305 0.54 28.55 10.38
CA LYS B 305 1.52 29.56 10.03
C LYS B 305 2.38 29.14 8.84
N LEU B 306 2.72 27.84 8.77
CA LEU B 306 3.40 27.34 7.58
C LEU B 306 2.51 27.50 6.35
N LEU B 307 1.21 27.19 6.49
CA LEU B 307 0.28 27.40 5.38
C LEU B 307 0.20 28.87 5.01
N GLU B 308 0.30 29.76 6.00
CA GLU B 308 0.29 31.19 5.72
C GLU B 308 1.47 31.58 4.85
N SER B 309 2.65 31.04 5.14
CA SER B 309 3.87 31.40 4.41
C SER B 309 3.90 30.87 2.98
N LEU B 310 2.87 30.11 2.55
CA LEU B 310 2.84 29.62 1.18
C LEU B 310 2.00 30.55 0.31
N PRO B 311 2.39 30.75 -0.96
CA PRO B 311 1.57 31.58 -1.85
C PRO B 311 0.24 30.93 -2.20
#